data_7HBI
#
_entry.id   7HBI
#
_cell.length_a   93.340
_cell.length_b   43.840
_cell.length_c   83.480
_cell.angle_alpha   90.00
_cell.angle_beta   121.96
_cell.angle_gamma   90.00
#
_symmetry.space_group_name_H-M   'C 1 2 1'
#
loop_
_entity.id
_entity.type
_entity.pdbx_description
1 polymer HEMOGLOBIN
2 non-polymer 'PROTOPORPHYRIN IX CONTAINING FE'
3 non-polymer 'CARBON MONOXIDE'
4 water water
#
_entity_poly.entity_id   1
_entity_poly.type   'polypeptide(L)'
_entity_poly.pdbx_seq_one_letter_code
;PSVYDAAAQLTADVKKDLRDSWKVIGSDKKGNGVALMTTLFADNQETIGYFKRLGDVSQGMANDKLRGHSIVLMYALQNF
IDQLDNPDDLVCVVEKFAVNHITRKISAAEFGKINGPIKKVLASKNFGDKYANAWAKLVAVVQAAL
;
_entity_poly.pdbx_strand_id   A,B
#
loop_
_chem_comp.id
_chem_comp.type
_chem_comp.name
_chem_comp.formula
CMO non-polymer 'CARBON MONOXIDE' 'C O'
HEM non-polymer 'PROTOPORPHYRIN IX CONTAINING FE' 'C34 H32 Fe N4 O4'
#
# COMPACT_ATOMS: atom_id res chain seq x y z
N SER A 2 20.08 -7.36 -11.44
CA SER A 2 19.73 -5.98 -11.23
C SER A 2 18.22 -5.91 -11.43
N VAL A 3 17.57 -4.94 -10.77
CA VAL A 3 16.13 -4.76 -10.87
C VAL A 3 15.72 -4.50 -12.31
N TYR A 4 16.46 -3.66 -13.04
CA TYR A 4 16.10 -3.30 -14.39
C TYR A 4 16.09 -4.46 -15.38
N ASP A 5 16.99 -5.44 -15.23
CA ASP A 5 16.99 -6.62 -16.10
C ASP A 5 15.83 -7.53 -15.72
N ALA A 6 15.60 -7.73 -14.41
CA ALA A 6 14.50 -8.57 -13.96
C ALA A 6 13.20 -7.96 -14.46
N ALA A 7 13.08 -6.63 -14.42
CA ALA A 7 11.91 -5.93 -14.94
C ALA A 7 11.75 -6.14 -16.45
N ALA A 8 12.87 -6.21 -17.21
CA ALA A 8 12.80 -6.42 -18.64
C ALA A 8 12.27 -7.80 -19.00
N GLN A 9 12.32 -8.75 -18.06
CA GLN A 9 11.77 -10.08 -18.24
C GLN A 9 10.25 -10.12 -18.24
N LEU A 10 9.55 -9.02 -17.93
CA LEU A 10 8.10 -9.04 -17.92
C LEU A 10 7.63 -8.63 -19.30
N THR A 11 7.51 -9.68 -20.12
CA THR A 11 7.11 -9.51 -21.50
C THR A 11 5.60 -9.35 -21.62
N ALA A 12 5.12 -9.01 -22.82
CA ALA A 12 3.70 -8.89 -23.14
C ALA A 12 2.83 -10.07 -22.65
N ASP A 13 3.26 -11.31 -22.86
CA ASP A 13 2.48 -12.45 -22.43
C ASP A 13 2.47 -12.59 -20.92
N VAL A 14 3.61 -12.33 -20.25
CA VAL A 14 3.69 -12.43 -18.80
C VAL A 14 2.76 -11.36 -18.20
N LYS A 15 2.82 -10.14 -18.71
CA LYS A 15 1.97 -9.05 -18.23
C LYS A 15 0.50 -9.39 -18.38
N LYS A 16 0.10 -10.05 -19.48
CA LYS A 16 -1.28 -10.43 -19.70
C LYS A 16 -1.70 -11.47 -18.68
N ASP A 17 -0.85 -12.47 -18.42
CA ASP A 17 -1.20 -13.51 -17.48
C ASP A 17 -1.31 -12.96 -16.07
N LEU A 18 -0.44 -12.00 -15.70
CA LEU A 18 -0.51 -11.35 -14.41
C LEU A 18 -1.81 -10.58 -14.28
N ARG A 19 -2.18 -9.77 -15.27
CA ARG A 19 -3.40 -8.99 -15.20
C ARG A 19 -4.64 -9.86 -15.16
N ASP A 20 -4.68 -10.91 -16.00
CA ASP A 20 -5.84 -11.79 -16.06
C ASP A 20 -6.05 -12.57 -14.78
N SER A 21 -5.02 -13.09 -14.12
CA SER A 21 -5.23 -13.75 -12.85
C SER A 21 -5.49 -12.74 -11.73
N TRP A 22 -4.88 -11.55 -11.76
CA TRP A 22 -5.10 -10.53 -10.72
C TRP A 22 -6.56 -10.09 -10.70
N LYS A 23 -7.21 -9.99 -11.86
CA LYS A 23 -8.61 -9.65 -11.94
C LYS A 23 -9.43 -10.60 -11.06
N VAL A 24 -9.06 -11.88 -10.97
CA VAL A 24 -9.74 -12.79 -10.06
C VAL A 24 -9.18 -12.71 -8.65
N ILE A 25 -7.89 -12.91 -8.33
CA ILE A 25 -7.50 -12.93 -6.91
C ILE A 25 -7.55 -11.57 -6.21
N GLY A 26 -7.43 -10.49 -6.98
CA GLY A 26 -7.51 -9.14 -6.48
C GLY A 26 -8.93 -8.71 -6.14
N SER A 27 -9.96 -9.46 -6.54
CA SER A 27 -11.33 -9.08 -6.20
C SER A 27 -11.62 -9.32 -4.71
N ASP A 28 -10.90 -10.21 -4.03
CA ASP A 28 -11.08 -10.39 -2.61
C ASP A 28 -9.73 -10.30 -1.92
N LYS A 29 -9.38 -9.04 -1.67
CA LYS A 29 -8.10 -8.72 -1.04
C LYS A 29 -7.99 -9.27 0.38
N LYS A 30 -9.02 -9.11 1.20
CA LYS A 30 -9.02 -9.63 2.56
C LYS A 30 -8.91 -11.15 2.58
N GLY A 31 -9.76 -11.83 1.80
CA GLY A 31 -9.80 -13.28 1.81
C GLY A 31 -8.53 -13.96 1.32
N ASN A 32 -8.11 -13.54 0.13
CA ASN A 32 -6.94 -14.10 -0.54
C ASN A 32 -5.65 -13.64 0.11
N GLY A 33 -5.62 -12.40 0.62
CA GLY A 33 -4.50 -11.87 1.37
C GLY A 33 -4.24 -12.70 2.61
N VAL A 34 -5.29 -12.98 3.41
CA VAL A 34 -5.13 -13.79 4.61
C VAL A 34 -4.79 -15.24 4.23
N ALA A 35 -5.39 -15.73 3.15
CA ALA A 35 -5.09 -17.07 2.65
C ALA A 35 -3.60 -17.23 2.31
N LEU A 36 -3.03 -16.28 1.58
CA LEU A 36 -1.60 -16.28 1.26
C LEU A 36 -0.74 -16.34 2.51
N MET A 37 -1.02 -15.49 3.50
CA MET A 37 -0.22 -15.45 4.72
C MET A 37 -0.35 -16.71 5.54
N THR A 38 -1.54 -17.26 5.78
CA THR A 38 -1.66 -18.48 6.56
C THR A 38 -1.02 -19.65 5.81
N THR A 39 -1.07 -19.72 4.46
CA THR A 39 -0.37 -20.78 3.73
C THR A 39 1.15 -20.62 3.89
N LEU A 40 1.69 -19.40 3.88
CA LEU A 40 3.11 -19.18 4.12
C LEU A 40 3.49 -19.71 5.49
N PHE A 41 2.72 -19.38 6.53
CA PHE A 41 3.08 -19.83 7.88
C PHE A 41 2.93 -21.31 8.08
N ALA A 42 1.93 -21.90 7.44
CA ALA A 42 1.68 -23.33 7.54
C ALA A 42 2.75 -24.14 6.82
N ASP A 43 3.17 -23.70 5.63
CA ASP A 43 4.16 -24.42 4.85
C ASP A 43 5.58 -24.04 5.20
N ASN A 44 5.79 -22.86 5.78
CA ASN A 44 7.13 -22.41 6.07
C ASN A 44 7.12 -21.85 7.47
N GLN A 45 6.93 -22.75 8.43
CA GLN A 45 6.84 -22.42 9.85
C GLN A 45 8.03 -21.63 10.39
N GLU A 46 9.21 -21.86 9.84
CA GLU A 46 10.39 -21.12 10.25
C GLU A 46 10.30 -19.63 9.97
N THR A 47 9.35 -19.12 9.18
CA THR A 47 9.30 -17.71 8.91
C THR A 47 8.43 -16.94 9.93
N ILE A 48 7.62 -17.64 10.74
CA ILE A 48 6.68 -17.00 11.66
C ILE A 48 7.38 -16.04 12.63
N GLY A 49 8.59 -16.37 13.09
CA GLY A 49 9.38 -15.51 13.98
C GLY A 49 9.54 -14.08 13.45
N TYR A 50 9.66 -13.87 12.14
CA TYR A 50 9.79 -12.54 11.57
C TYR A 50 8.56 -11.67 11.80
N PHE A 51 7.41 -12.31 12.02
CA PHE A 51 6.14 -11.62 12.11
C PHE A 51 5.62 -11.50 13.54
N LYS A 52 6.54 -11.43 14.48
CA LYS A 52 6.17 -11.35 15.87
C LYS A 52 5.28 -10.16 16.21
N ARG A 53 5.35 -9.03 15.50
CA ARG A 53 4.46 -7.89 15.77
C ARG A 53 2.99 -8.26 15.57
N LEU A 54 2.66 -9.21 14.69
CA LEU A 54 1.27 -9.54 14.44
C LEU A 54 0.67 -10.44 15.54
N GLY A 55 1.44 -10.90 16.52
CA GLY A 55 0.88 -11.73 17.59
C GLY A 55 0.64 -13.15 17.12
N ASP A 56 -0.47 -13.77 17.53
CA ASP A 56 -0.73 -15.16 17.18
C ASP A 56 -1.37 -15.32 15.81
N VAL A 57 -0.51 -15.56 14.83
CA VAL A 57 -0.94 -15.73 13.46
C VAL A 57 -1.80 -16.98 13.18
N SER A 58 -1.85 -17.96 14.09
CA SER A 58 -2.70 -19.13 13.95
C SER A 58 -4.17 -18.74 13.90
N GLN A 59 -4.50 -17.61 14.51
CA GLN A 59 -5.86 -17.13 14.54
C GLN A 59 -6.36 -16.71 13.17
N GLY A 60 -5.52 -16.46 12.15
CA GLY A 60 -5.97 -16.09 10.83
C GLY A 60 -6.76 -14.80 10.77
N MET A 61 -7.87 -14.83 10.04
CA MET A 61 -8.83 -13.73 9.84
C MET A 61 -9.28 -13.03 11.13
N ALA A 62 -9.32 -13.79 12.23
CA ALA A 62 -9.72 -13.27 13.52
C ALA A 62 -8.70 -12.31 14.14
N ASN A 63 -7.45 -12.47 13.74
CA ASN A 63 -6.38 -11.64 14.25
C ASN A 63 -6.40 -10.37 13.40
N ASP A 64 -6.77 -9.28 14.06
CA ASP A 64 -6.91 -7.99 13.41
C ASP A 64 -5.62 -7.44 12.82
N LYS A 65 -4.47 -7.68 13.47
CA LYS A 65 -3.20 -7.20 12.95
C LYS A 65 -2.83 -7.96 11.69
N LEU A 66 -3.08 -9.28 11.68
CA LEU A 66 -2.79 -10.07 10.50
C LEU A 66 -3.73 -9.65 9.38
N ARG A 67 -5.02 -9.39 9.63
CA ARG A 67 -5.93 -8.97 8.59
C ARG A 67 -5.51 -7.62 8.00
N GLY A 68 -5.15 -6.63 8.83
CA GLY A 68 -4.67 -5.32 8.38
C GLY A 68 -3.43 -5.48 7.50
N HIS A 69 -2.45 -6.26 7.96
CA HIS A 69 -1.24 -6.56 7.21
C HIS A 69 -1.56 -7.18 5.86
N SER A 70 -2.44 -8.18 5.83
CA SER A 70 -2.78 -8.91 4.62
C SER A 70 -3.46 -8.05 3.57
N ILE A 71 -4.40 -7.19 3.95
CA ILE A 71 -5.05 -6.28 3.02
C ILE A 71 -3.99 -5.36 2.42
N VAL A 72 -3.12 -4.76 3.24
CA VAL A 72 -2.09 -3.87 2.75
C VAL A 72 -1.14 -4.59 1.78
N LEU A 73 -0.76 -5.84 2.06
CA LEU A 73 0.08 -6.62 1.17
C LEU A 73 -0.59 -6.74 -0.18
N MET A 74 -1.91 -6.98 -0.22
CA MET A 74 -2.60 -7.11 -1.50
C MET A 74 -2.63 -5.79 -2.24
N TYR A 75 -2.64 -4.64 -1.56
CA TYR A 75 -2.51 -3.36 -2.26
C TYR A 75 -1.10 -3.14 -2.77
N ALA A 76 -0.06 -3.74 -2.20
CA ALA A 76 1.29 -3.69 -2.78
C ALA A 76 1.27 -4.43 -4.13
N LEU A 77 0.62 -5.60 -4.18
CA LEU A 77 0.52 -6.34 -5.43
C LEU A 77 -0.31 -5.57 -6.43
N GLN A 78 -1.42 -4.96 -6.00
CA GLN A 78 -2.23 -4.12 -6.87
C GLN A 78 -1.38 -3.04 -7.49
N ASN A 79 -0.51 -2.44 -6.67
CA ASN A 79 0.40 -1.39 -7.09
C ASN A 79 1.33 -1.89 -8.19
N PHE A 80 1.97 -3.05 -7.98
CA PHE A 80 2.84 -3.66 -8.99
C PHE A 80 2.11 -3.88 -10.32
N ILE A 81 0.88 -4.40 -10.29
CA ILE A 81 0.11 -4.64 -11.52
C ILE A 81 -0.16 -3.31 -12.23
N ASP A 82 -0.49 -2.26 -11.47
CA ASP A 82 -0.76 -0.98 -12.08
C ASP A 82 0.47 -0.32 -12.66
N GLN A 83 1.68 -0.70 -12.23
CA GLN A 83 2.90 -0.11 -12.76
C GLN A 83 3.51 -0.90 -13.90
N LEU A 84 2.92 -2.02 -14.32
CA LEU A 84 3.48 -2.82 -15.39
C LEU A 84 3.70 -2.07 -16.70
N ASP A 85 2.88 -1.07 -17.01
CA ASP A 85 3.09 -0.25 -18.21
C ASP A 85 4.40 0.51 -18.21
N ASN A 86 4.91 0.91 -17.04
CA ASN A 86 6.10 1.73 -16.99
C ASN A 86 7.14 1.16 -16.05
N PRO A 87 8.20 0.52 -16.58
CA PRO A 87 9.27 -0.07 -15.80
C PRO A 87 9.97 0.89 -14.86
N ASP A 88 10.05 2.20 -15.14
CA ASP A 88 10.69 3.12 -14.20
C ASP A 88 9.87 3.31 -12.94
N ASP A 89 8.54 3.29 -13.09
CA ASP A 89 7.68 3.42 -11.93
C ASP A 89 7.57 2.09 -11.20
N LEU A 90 7.52 0.96 -11.91
CA LEU A 90 7.53 -0.33 -11.25
C LEU A 90 8.81 -0.47 -10.44
N VAL A 91 9.99 -0.07 -10.95
CA VAL A 91 11.21 -0.24 -10.18
C VAL A 91 11.24 0.68 -8.95
N CYS A 92 10.77 1.93 -8.96
CA CYS A 92 10.86 2.72 -7.72
C CYS A 92 9.87 2.20 -6.67
N VAL A 93 8.69 1.64 -7.02
CA VAL A 93 7.83 1.07 -5.96
C VAL A 93 8.40 -0.27 -5.49
N VAL A 94 8.99 -1.12 -6.36
CA VAL A 94 9.66 -2.34 -5.94
C VAL A 94 10.77 -2.00 -4.96
N GLU A 95 11.64 -1.05 -5.28
CA GLU A 95 12.69 -0.68 -4.35
C GLU A 95 12.16 -0.15 -3.01
N LYS A 96 11.01 0.54 -2.96
CA LYS A 96 10.46 1.01 -1.70
C LYS A 96 10.09 -0.21 -0.85
N PHE A 97 9.35 -1.17 -1.41
CA PHE A 97 8.99 -2.35 -0.63
C PHE A 97 10.21 -3.21 -0.33
N ALA A 98 11.25 -3.19 -1.16
CA ALA A 98 12.46 -3.94 -0.88
C ALA A 98 13.08 -3.43 0.39
N VAL A 99 13.14 -2.10 0.59
CA VAL A 99 13.71 -1.51 1.79
C VAL A 99 12.90 -1.94 3.01
N ASN A 100 11.57 -2.02 2.94
CA ASN A 100 10.78 -2.55 4.06
C ASN A 100 11.21 -3.96 4.46
N HIS A 101 11.70 -4.80 3.54
CA HIS A 101 12.11 -6.16 3.89
C HIS A 101 13.58 -6.23 4.24
N ILE A 102 14.41 -5.37 3.63
CA ILE A 102 15.83 -5.31 3.93
C ILE A 102 15.99 -4.96 5.40
N THR A 103 15.20 -4.00 5.92
CA THR A 103 15.31 -3.60 7.33
C THR A 103 14.86 -4.72 8.26
N ARG A 104 14.00 -5.61 7.76
CA ARG A 104 13.55 -6.78 8.49
C ARG A 104 14.47 -7.97 8.31
N LYS A 105 15.62 -7.78 7.64
CA LYS A 105 16.61 -8.83 7.41
C LYS A 105 16.10 -10.04 6.62
N ILE A 106 15.27 -9.73 5.62
CA ILE A 106 14.66 -10.72 4.75
C ILE A 106 15.50 -10.79 3.48
N SER A 107 16.10 -11.95 3.19
CA SER A 107 16.93 -12.16 2.01
C SER A 107 16.10 -12.43 0.76
N ALA A 108 16.73 -12.40 -0.42
CA ALA A 108 16.05 -12.74 -1.67
C ALA A 108 15.56 -14.18 -1.60
N ALA A 109 16.37 -15.09 -1.04
CA ALA A 109 15.98 -16.49 -0.89
C ALA A 109 14.76 -16.60 0.02
N GLU A 110 14.70 -15.93 1.18
CA GLU A 110 13.53 -16.06 2.03
C GLU A 110 12.30 -15.39 1.46
N PHE A 111 12.47 -14.32 0.70
CA PHE A 111 11.34 -13.65 0.08
C PHE A 111 10.73 -14.60 -0.96
N GLY A 112 11.58 -15.40 -1.60
CA GLY A 112 11.16 -16.37 -2.60
C GLY A 112 10.20 -17.41 -2.04
N LYS A 113 10.17 -17.60 -0.71
CA LYS A 113 9.26 -18.57 -0.12
C LYS A 113 7.78 -18.21 -0.32
N ILE A 114 7.44 -17.00 -0.76
CA ILE A 114 6.07 -16.64 -1.03
C ILE A 114 5.59 -17.35 -2.33
N ASN A 115 6.47 -17.86 -3.21
CA ASN A 115 6.01 -18.47 -4.46
C ASN A 115 5.15 -19.72 -4.27
N GLY A 116 5.42 -20.49 -3.22
CA GLY A 116 4.64 -21.68 -2.89
C GLY A 116 3.20 -21.28 -2.57
N PRO A 117 2.97 -20.41 -1.57
CA PRO A 117 1.68 -19.77 -1.31
C PRO A 117 0.95 -19.23 -2.52
N ILE A 118 1.61 -18.43 -3.35
CA ILE A 118 0.99 -17.84 -4.54
C ILE A 118 0.50 -18.93 -5.50
N LYS A 119 1.31 -19.95 -5.77
CA LYS A 119 0.89 -21.04 -6.64
C LYS A 119 -0.34 -21.73 -6.03
N LYS A 120 -0.36 -22.01 -4.71
CA LYS A 120 -1.49 -22.69 -4.10
C LYS A 120 -2.76 -21.86 -4.17
N VAL A 121 -2.70 -20.55 -3.91
CA VAL A 121 -3.87 -19.70 -3.96
C VAL A 121 -4.36 -19.61 -5.40
N LEU A 122 -3.47 -19.46 -6.39
CA LEU A 122 -3.87 -19.46 -7.79
C LEU A 122 -4.54 -20.79 -8.17
N ALA A 123 -3.99 -21.91 -7.69
CA ALA A 123 -4.51 -23.24 -7.97
C ALA A 123 -5.93 -23.41 -7.44
N SER A 124 -6.25 -22.89 -6.24
CA SER A 124 -7.62 -23.00 -5.73
C SER A 124 -8.61 -22.18 -6.58
N LYS A 125 -8.11 -21.20 -7.33
CA LYS A 125 -8.90 -20.40 -8.22
C LYS A 125 -8.94 -20.92 -9.65
N ASN A 126 -8.31 -22.08 -9.91
CA ASN A 126 -8.18 -22.75 -11.22
C ASN A 126 -7.26 -22.00 -12.19
N PHE A 127 -6.17 -21.45 -11.64
CA PHE A 127 -5.11 -20.82 -12.43
C PHE A 127 -3.91 -21.69 -12.14
N GLY A 128 -3.43 -22.36 -13.18
CA GLY A 128 -2.38 -23.34 -13.02
C GLY A 128 -0.98 -22.76 -13.08
N ASP A 129 -0.05 -23.69 -13.32
CA ASP A 129 1.36 -23.35 -13.36
C ASP A 129 1.80 -22.26 -14.31
N LYS A 130 1.12 -22.06 -15.43
CA LYS A 130 1.43 -20.97 -16.34
C LYS A 130 1.35 -19.65 -15.59
N TYR A 131 0.30 -19.50 -14.78
CA TYR A 131 0.06 -18.28 -14.04
C TYR A 131 0.99 -18.22 -12.84
N ALA A 132 1.24 -19.34 -12.17
CA ALA A 132 2.18 -19.38 -11.08
C ALA A 132 3.57 -18.96 -11.53
N ASN A 133 3.96 -19.34 -12.74
CA ASN A 133 5.25 -18.98 -13.29
C ASN A 133 5.30 -17.51 -13.66
N ALA A 134 4.20 -16.94 -14.17
CA ALA A 134 4.14 -15.52 -14.44
C ALA A 134 4.37 -14.71 -13.14
N TRP A 135 3.68 -15.12 -12.08
CA TRP A 135 3.82 -14.45 -10.79
C TRP A 135 5.21 -14.61 -10.20
N ALA A 136 5.87 -15.75 -10.41
CA ALA A 136 7.23 -15.95 -9.94
C ALA A 136 8.14 -14.94 -10.62
N LYS A 137 7.90 -14.57 -11.88
CA LYS A 137 8.72 -13.56 -12.55
C LYS A 137 8.54 -12.18 -11.95
N LEU A 138 7.33 -11.77 -11.56
CA LEU A 138 7.16 -10.50 -10.87
C LEU A 138 7.83 -10.57 -9.49
N VAL A 139 7.71 -11.67 -8.74
CA VAL A 139 8.38 -11.80 -7.44
C VAL A 139 9.89 -11.68 -7.61
N ALA A 140 10.43 -12.19 -8.71
CA ALA A 140 11.85 -12.09 -9.01
C ALA A 140 12.36 -10.65 -9.17
N VAL A 141 11.49 -9.69 -9.54
CA VAL A 141 11.89 -8.29 -9.62
C VAL A 141 12.16 -7.80 -8.20
N VAL A 142 11.33 -8.17 -7.22
CA VAL A 142 11.58 -7.73 -5.85
C VAL A 142 12.81 -8.47 -5.33
N GLN A 143 12.99 -9.76 -5.62
CA GLN A 143 14.18 -10.47 -5.18
C GLN A 143 15.47 -9.82 -5.67
N ALA A 144 15.46 -9.33 -6.90
CA ALA A 144 16.62 -8.66 -7.48
C ALA A 144 17.04 -7.40 -6.71
N ALA A 145 16.13 -6.76 -6.00
CA ALA A 145 16.42 -5.58 -5.23
C ALA A 145 16.78 -5.85 -3.77
N LEU A 146 16.75 -7.11 -3.30
CA LEU A 146 17.01 -7.43 -1.90
C LEU A 146 18.46 -7.80 -1.62
N SER B 2 -12.68 6.07 20.24
CA SER B 2 -11.76 5.04 19.82
C SER B 2 -11.64 5.30 18.31
N VAL B 3 -10.75 4.59 17.63
CA VAL B 3 -10.63 4.66 16.16
C VAL B 3 -11.98 4.26 15.55
N TYR B 4 -12.55 3.18 16.08
CA TYR B 4 -13.84 2.67 15.66
C TYR B 4 -14.92 3.72 15.77
N ASP B 5 -15.01 4.52 16.84
CA ASP B 5 -16.00 5.58 16.92
C ASP B 5 -15.84 6.61 15.82
N ALA B 6 -14.59 6.98 15.52
CA ALA B 6 -14.31 7.97 14.50
C ALA B 6 -14.68 7.40 13.15
N ALA B 7 -14.40 6.10 12.93
CA ALA B 7 -14.72 5.43 11.68
C ALA B 7 -16.22 5.36 11.51
N ALA B 8 -16.88 4.83 12.55
CA ALA B 8 -18.31 4.68 12.60
C ALA B 8 -19.04 6.00 12.40
N GLN B 9 -18.42 7.17 12.65
CA GLN B 9 -19.15 8.41 12.40
C GLN B 9 -19.00 8.96 10.98
N LEU B 10 -18.30 8.35 10.02
CA LEU B 10 -18.25 8.86 8.64
C LEU B 10 -19.63 8.57 8.03
N THR B 11 -20.39 9.58 7.62
CA THR B 11 -21.76 9.37 7.16
C THR B 11 -21.86 8.99 5.70
N ALA B 12 -23.05 8.60 5.25
CA ALA B 12 -23.30 8.32 3.85
C ALA B 12 -22.89 9.47 2.95
N ASP B 13 -23.20 10.74 3.24
CA ASP B 13 -22.74 11.78 2.33
C ASP B 13 -21.27 12.12 2.44
N VAL B 14 -20.63 11.86 3.59
CA VAL B 14 -19.19 12.06 3.72
C VAL B 14 -18.52 11.01 2.84
N LYS B 15 -18.90 9.75 2.95
CA LYS B 15 -18.36 8.68 2.11
C LYS B 15 -18.60 8.99 0.64
N LYS B 16 -19.76 9.55 0.27
CA LYS B 16 -20.04 9.94 -1.11
C LYS B 16 -19.05 11.01 -1.59
N ASP B 17 -18.80 12.04 -0.79
CA ASP B 17 -17.84 13.06 -1.17
C ASP B 17 -16.43 12.54 -1.27
N LEU B 18 -16.03 11.63 -0.38
CA LEU B 18 -14.73 11.00 -0.43
C LEU B 18 -14.57 10.20 -1.72
N ARG B 19 -15.53 9.33 -2.04
CA ARG B 19 -15.47 8.53 -3.25
C ARG B 19 -15.48 9.35 -4.51
N ASP B 20 -16.34 10.36 -4.60
CA ASP B 20 -16.41 11.21 -5.76
C ASP B 20 -15.15 12.03 -5.98
N SER B 21 -14.50 12.52 -4.93
CA SER B 21 -13.29 13.28 -5.16
C SER B 21 -12.15 12.30 -5.47
N TRP B 22 -12.11 11.13 -4.84
CA TRP B 22 -11.08 10.13 -5.10
C TRP B 22 -11.13 9.60 -6.52
N LYS B 23 -12.28 9.49 -7.18
CA LYS B 23 -12.35 9.09 -8.59
C LYS B 23 -11.47 9.99 -9.46
N VAL B 24 -11.33 11.26 -9.06
CA VAL B 24 -10.47 12.18 -9.81
C VAL B 24 -9.07 12.22 -9.20
N ILE B 25 -8.85 12.54 -7.92
CA ILE B 25 -7.46 12.66 -7.48
C ILE B 25 -6.74 11.32 -7.41
N GLY B 26 -7.45 10.20 -7.24
CA GLY B 26 -6.82 8.89 -7.20
C GLY B 26 -6.60 8.31 -8.60
N SER B 27 -7.07 8.94 -9.68
CA SER B 27 -6.86 8.40 -11.02
C SER B 27 -5.40 8.62 -11.41
N ASP B 28 -4.71 9.69 -11.01
CA ASP B 28 -3.31 9.83 -11.35
C ASP B 28 -2.52 9.81 -10.05
N LYS B 29 -2.18 8.61 -9.59
CA LYS B 29 -1.53 8.47 -8.30
C LYS B 29 -0.12 9.02 -8.27
N LYS B 30 0.67 8.84 -9.33
CA LYS B 30 2.02 9.40 -9.38
C LYS B 30 2.02 10.92 -9.35
N GLY B 31 1.24 11.55 -10.21
CA GLY B 31 1.18 12.99 -10.30
C GLY B 31 0.65 13.63 -9.01
N ASN B 32 -0.52 13.17 -8.57
CA ASN B 32 -1.14 13.74 -7.38
C ASN B 32 -0.41 13.35 -6.10
N GLY B 33 0.19 12.17 -6.03
CA GLY B 33 0.96 11.77 -4.86
C GLY B 33 2.16 12.68 -4.68
N VAL B 34 2.95 12.91 -5.74
CA VAL B 34 4.10 13.80 -5.63
C VAL B 34 3.64 15.23 -5.36
N ALA B 35 2.56 15.69 -5.98
CA ALA B 35 2.00 17.01 -5.70
C ALA B 35 1.67 17.14 -4.21
N LEU B 36 1.08 16.14 -3.57
CA LEU B 36 0.79 16.19 -2.15
C LEU B 36 2.06 16.34 -1.33
N MET B 37 3.08 15.52 -1.61
CA MET B 37 4.31 15.56 -0.84
C MET B 37 5.06 16.87 -1.05
N THR B 38 5.12 17.41 -2.26
CA THR B 38 5.84 18.65 -2.47
C THR B 38 5.13 19.84 -1.82
N THR B 39 3.80 19.84 -1.80
CA THR B 39 3.06 20.88 -1.08
C THR B 39 3.31 20.76 0.43
N LEU B 40 3.42 19.54 0.98
CA LEU B 40 3.76 19.38 2.39
C LEU B 40 5.12 20.01 2.68
N PHE B 41 6.14 19.70 1.90
CA PHE B 41 7.47 20.25 2.10
C PHE B 41 7.54 21.74 1.85
N ALA B 42 6.72 22.26 0.94
CA ALA B 42 6.73 23.67 0.66
C ALA B 42 6.09 24.51 1.77
N ASP B 43 4.95 24.04 2.26
CA ASP B 43 4.21 24.77 3.27
C ASP B 43 4.65 24.45 4.67
N ASN B 44 5.26 23.30 4.89
CA ASN B 44 5.68 22.88 6.20
C ASN B 44 7.11 22.37 6.10
N GLN B 45 8.04 23.31 5.92
CA GLN B 45 9.45 23.00 5.75
C GLN B 45 10.05 22.25 6.94
N GLU B 46 9.49 22.40 8.14
CA GLU B 46 9.99 21.67 9.31
C GLU B 46 9.83 20.15 9.21
N THR B 47 9.01 19.65 8.29
CA THR B 47 8.82 18.22 8.19
C THR B 47 9.88 17.56 7.32
N ILE B 48 10.61 18.33 6.50
CA ILE B 48 11.59 17.79 5.56
C ILE B 48 12.58 16.84 6.23
N GLY B 49 13.09 17.20 7.42
CA GLY B 49 14.03 16.38 8.16
C GLY B 49 13.51 14.98 8.44
N TYR B 50 12.21 14.76 8.58
CA TYR B 50 11.67 13.43 8.82
C TYR B 50 11.83 12.50 7.63
N PHE B 51 11.95 13.06 6.41
CA PHE B 51 12.02 12.29 5.20
C PHE B 51 13.42 12.09 4.65
N LYS B 52 14.41 12.07 5.55
CA LYS B 52 15.81 11.95 5.15
C LYS B 52 16.12 10.73 4.29
N ARG B 53 15.41 9.60 4.44
CA ARG B 53 15.62 8.43 3.61
C ARG B 53 15.34 8.68 2.14
N LEU B 54 14.44 9.59 1.81
CA LEU B 54 14.09 9.85 0.42
C LEU B 54 15.11 10.73 -0.30
N GLY B 55 16.17 11.15 0.41
CA GLY B 55 17.19 11.97 -0.18
C GLY B 55 16.70 13.40 -0.36
N ASP B 56 17.04 13.94 -1.52
CA ASP B 56 16.85 15.35 -1.76
C ASP B 56 15.48 15.57 -2.35
N VAL B 57 14.57 15.92 -1.43
CA VAL B 57 13.20 16.13 -1.87
C VAL B 57 12.92 17.33 -2.75
N SER B 58 13.76 18.36 -2.94
CA SER B 58 13.55 19.38 -3.97
C SER B 58 13.49 18.82 -5.42
N GLN B 59 14.01 17.60 -5.67
CA GLN B 59 14.04 17.04 -7.01
C GLN B 59 12.68 16.66 -7.56
N GLY B 60 11.69 16.51 -6.68
CA GLY B 60 10.33 16.23 -7.10
C GLY B 60 10.22 14.89 -7.80
N MET B 61 9.62 14.93 -8.98
CA MET B 61 9.35 13.76 -9.79
C MET B 61 10.59 12.96 -10.19
N ALA B 62 11.72 13.64 -10.33
CA ALA B 62 12.96 13.02 -10.74
C ALA B 62 13.63 12.24 -9.62
N ASN B 63 13.15 12.41 -8.39
CA ASN B 63 13.71 11.68 -7.28
C ASN B 63 12.88 10.41 -7.24
N ASP B 64 13.54 9.33 -7.63
CA ASP B 64 12.97 8.01 -7.65
C ASP B 64 12.43 7.54 -6.30
N LYS B 65 13.11 7.82 -5.20
CA LYS B 65 12.64 7.40 -3.89
C LYS B 65 11.42 8.22 -3.47
N LEU B 66 11.36 9.51 -3.79
CA LEU B 66 10.19 10.32 -3.48
C LEU B 66 9.02 9.83 -4.33
N ARG B 67 9.23 9.55 -5.62
CA ARG B 67 8.17 9.07 -6.50
C ARG B 67 7.65 7.72 -6.01
N GLY B 68 8.51 6.77 -5.62
CA GLY B 68 8.10 5.49 -5.06
C GLY B 68 7.24 5.65 -3.80
N HIS B 69 7.71 6.49 -2.87
CA HIS B 69 6.98 6.79 -1.65
C HIS B 69 5.61 7.42 -1.93
N SER B 70 5.53 8.40 -2.82
CA SER B 70 4.29 9.09 -3.14
C SER B 70 3.26 8.15 -3.75
N ILE B 71 3.67 7.21 -4.62
CA ILE B 71 2.75 6.24 -5.21
C ILE B 71 2.19 5.32 -4.11
N VAL B 72 3.06 4.78 -3.24
CA VAL B 72 2.61 3.89 -2.18
C VAL B 72 1.67 4.64 -1.23
N LEU B 73 1.93 5.91 -0.89
CA LEU B 73 1.01 6.67 -0.04
C LEU B 73 -0.39 6.73 -0.68
N MET B 74 -0.47 6.97 -1.99
CA MET B 74 -1.74 7.01 -2.67
C MET B 74 -2.45 5.66 -2.64
N TYR B 75 -1.74 4.53 -2.56
CA TYR B 75 -2.39 3.24 -2.41
C TYR B 75 -2.86 3.02 -0.97
N ALA B 76 -2.24 3.69 0.01
CA ALA B 76 -2.74 3.67 1.37
C ALA B 76 -4.07 4.40 1.38
N LEU B 77 -4.22 5.52 0.67
CA LEU B 77 -5.49 6.21 0.61
C LEU B 77 -6.52 5.43 -0.20
N GLN B 78 -6.11 4.75 -1.28
CA GLN B 78 -6.98 3.88 -2.05
C GLN B 78 -7.62 2.84 -1.15
N ASN B 79 -6.77 2.21 -0.33
CA ASN B 79 -7.19 1.20 0.61
C ASN B 79 -8.24 1.77 1.56
N PHE B 80 -8.00 2.95 2.12
CA PHE B 80 -8.97 3.59 2.99
C PHE B 80 -10.32 3.78 2.32
N ILE B 81 -10.31 4.33 1.10
CA ILE B 81 -11.51 4.59 0.32
C ILE B 81 -12.24 3.27 0.04
N ASP B 82 -11.51 2.17 -0.22
CA ASP B 82 -12.16 0.90 -0.48
C ASP B 82 -12.74 0.24 0.76
N GLN B 83 -12.27 0.56 1.96
CA GLN B 83 -12.80 -0.04 3.18
C GLN B 83 -13.86 0.82 3.86
N LEU B 84 -14.37 1.90 3.26
CA LEU B 84 -15.29 2.80 3.95
C LEU B 84 -16.55 2.18 4.50
N ASP B 85 -17.14 1.23 3.78
CA ASP B 85 -18.36 0.62 4.24
C ASP B 85 -18.18 -0.48 5.27
N ASN B 86 -16.96 -0.87 5.59
CA ASN B 86 -16.79 -1.84 6.65
C ASN B 86 -15.81 -1.23 7.64
N PRO B 87 -16.33 -0.52 8.67
CA PRO B 87 -15.53 0.04 9.76
C PRO B 87 -14.54 -0.91 10.38
N ASP B 88 -14.81 -2.21 10.46
CA ASP B 88 -13.86 -3.13 11.07
C ASP B 88 -12.61 -3.31 10.21
N ASP B 89 -12.78 -3.30 8.89
CA ASP B 89 -11.63 -3.42 8.02
C ASP B 89 -10.91 -2.11 7.95
N LEU B 90 -11.64 -1.00 7.83
CA LEU B 90 -11.01 0.32 7.85
C LEU B 90 -10.18 0.52 9.10
N VAL B 91 -10.69 0.17 10.29
CA VAL B 91 -9.92 0.27 11.53
C VAL B 91 -8.66 -0.58 11.49
N CYS B 92 -8.65 -1.84 11.04
CA CYS B 92 -7.40 -2.57 11.15
C CYS B 92 -6.39 -2.08 10.11
N VAL B 93 -6.77 -1.45 8.97
CA VAL B 93 -5.75 -0.92 8.09
C VAL B 93 -5.25 0.43 8.62
N VAL B 94 -6.13 1.26 9.22
CA VAL B 94 -5.74 2.54 9.86
C VAL B 94 -4.72 2.27 10.96
N GLU B 95 -4.97 1.30 11.82
CA GLU B 95 -4.04 0.95 12.87
C GLU B 95 -2.69 0.46 12.34
N LYS B 96 -2.66 -0.26 11.21
CA LYS B 96 -1.39 -0.69 10.62
C LYS B 96 -0.61 0.54 10.17
N PHE B 97 -1.24 1.47 9.45
CA PHE B 97 -0.51 2.66 9.00
C PHE B 97 -0.17 3.56 10.17
N ALA B 98 -0.97 3.57 11.24
CA ALA B 98 -0.68 4.37 12.43
C ALA B 98 0.64 3.88 13.03
N VAL B 99 0.89 2.58 13.15
CA VAL B 99 2.14 2.05 13.68
C VAL B 99 3.33 2.52 12.84
N ASN B 100 3.21 2.62 11.50
CA ASN B 100 4.28 3.12 10.65
C ASN B 100 4.66 4.55 11.03
N HIS B 101 3.71 5.36 11.49
CA HIS B 101 3.99 6.73 11.90
C HIS B 101 4.37 6.88 13.37
N ILE B 102 3.81 6.08 14.27
CA ILE B 102 4.20 6.03 15.67
C ILE B 102 5.68 5.65 15.79
N THR B 103 6.20 4.71 15.01
CA THR B 103 7.64 4.40 15.06
C THR B 103 8.52 5.57 14.62
N ARG B 104 7.98 6.49 13.83
CA ARG B 104 8.71 7.67 13.35
C ARG B 104 8.39 8.89 14.22
N LYS B 105 7.78 8.61 15.38
CA LYS B 105 7.37 9.59 16.37
C LYS B 105 6.53 10.73 15.80
N ILE B 106 5.57 10.40 14.93
CA ILE B 106 4.70 11.40 14.33
C ILE B 106 3.45 11.44 15.20
N SER B 107 3.15 12.61 15.75
CA SER B 107 2.02 12.81 16.63
C SER B 107 0.77 13.04 15.80
N ALA B 108 -0.40 12.98 16.45
CA ALA B 108 -1.69 13.25 15.82
C ALA B 108 -1.72 14.65 15.22
N ALA B 109 -1.21 15.65 15.95
CA ALA B 109 -1.11 17.03 15.46
C ALA B 109 -0.27 17.16 14.19
N GLU B 110 0.91 16.52 14.19
CA GLU B 110 1.80 16.57 13.05
C GLU B 110 1.20 15.83 11.86
N PHE B 111 0.56 14.67 12.08
CA PHE B 111 -0.11 13.96 10.99
C PHE B 111 -1.19 14.85 10.36
N GLY B 112 -1.92 15.65 11.16
CA GLY B 112 -2.95 16.54 10.64
C GLY B 112 -2.40 17.63 9.73
N LYS B 113 -1.08 17.88 9.70
CA LYS B 113 -0.51 18.89 8.78
C LYS B 113 -0.78 18.49 7.32
N ILE B 114 -1.12 17.23 7.03
CA ILE B 114 -1.43 16.81 5.67
C ILE B 114 -2.74 17.43 5.16
N ASN B 115 -3.60 17.94 6.03
CA ASN B 115 -4.87 18.52 5.60
C ASN B 115 -4.69 19.70 4.67
N GLY B 116 -3.67 20.54 4.90
CA GLY B 116 -3.38 21.68 4.03
C GLY B 116 -3.06 21.26 2.59
N PRO B 117 -2.04 20.42 2.35
CA PRO B 117 -1.79 19.79 1.06
C PRO B 117 -3.02 19.14 0.43
N ILE B 118 -3.81 18.35 1.18
CA ILE B 118 -4.99 17.70 0.61
C ILE B 118 -5.95 18.76 0.10
N LYS B 119 -6.21 19.81 0.90
CA LYS B 119 -7.09 20.88 0.49
C LYS B 119 -6.59 21.52 -0.80
N LYS B 120 -5.29 21.77 -0.91
CA LYS B 120 -4.73 22.37 -2.11
C LYS B 120 -4.83 21.47 -3.34
N VAL B 121 -4.54 20.18 -3.25
CA VAL B 121 -4.65 19.29 -4.40
C VAL B 121 -6.11 19.15 -4.78
N LEU B 122 -7.04 19.06 -3.82
CA LEU B 122 -8.47 19.00 -4.16
C LEU B 122 -8.91 20.23 -4.91
N ALA B 123 -8.49 21.40 -4.42
CA ALA B 123 -8.81 22.68 -5.04
C ALA B 123 -8.27 22.76 -6.46
N SER B 124 -7.13 22.15 -6.79
CA SER B 124 -6.64 22.19 -8.16
C SER B 124 -7.57 21.46 -9.13
N LYS B 125 -8.37 20.51 -8.64
CA LYS B 125 -9.33 19.79 -9.46
C LYS B 125 -10.75 20.31 -9.23
N ASN B 126 -10.82 21.51 -8.67
CA ASN B 126 -12.04 22.25 -8.32
C ASN B 126 -12.96 21.60 -7.30
N PHE B 127 -12.41 20.82 -6.38
CA PHE B 127 -13.17 20.26 -5.27
C PHE B 127 -12.93 21.20 -4.11
N GLY B 128 -13.98 21.92 -3.72
CA GLY B 128 -13.93 22.92 -2.66
C GLY B 128 -13.95 22.41 -1.23
N ASP B 129 -14.23 23.37 -0.36
CA ASP B 129 -14.25 23.20 1.08
C ASP B 129 -15.08 22.04 1.59
N LYS B 130 -16.24 21.73 0.99
CA LYS B 130 -17.05 20.58 1.39
C LYS B 130 -16.22 19.29 1.33
N TYR B 131 -15.46 19.14 0.25
CA TYR B 131 -14.63 17.96 0.03
C TYR B 131 -13.43 17.96 0.96
N ALA B 132 -12.80 19.12 1.15
CA ALA B 132 -11.67 19.23 2.05
C ALA B 132 -12.07 18.85 3.48
N ASN B 133 -13.29 19.25 3.87
CA ASN B 133 -13.80 18.91 5.19
C ASN B 133 -14.07 17.42 5.31
N ALA B 134 -14.53 16.78 4.22
CA ALA B 134 -14.76 15.35 4.22
C ALA B 134 -13.43 14.63 4.40
N TRP B 135 -12.38 15.03 3.68
CA TRP B 135 -11.07 14.42 3.83
C TRP B 135 -10.47 14.64 5.21
N ALA B 136 -10.69 15.81 5.84
CA ALA B 136 -10.24 16.04 7.21
C ALA B 136 -10.90 15.03 8.18
N LYS B 137 -12.14 14.63 7.91
CA LYS B 137 -12.79 13.61 8.73
C LYS B 137 -12.11 12.27 8.56
N LEU B 138 -11.65 11.90 7.35
CA LEU B 138 -10.92 10.64 7.18
C LEU B 138 -9.55 10.70 7.85
N VAL B 139 -8.80 11.80 7.71
CA VAL B 139 -7.52 11.98 8.41
C VAL B 139 -7.73 11.86 9.92
N ALA B 140 -8.83 12.39 10.46
CA ALA B 140 -9.11 12.31 11.89
C ALA B 140 -9.28 10.88 12.38
N VAL B 141 -9.66 9.94 11.50
CA VAL B 141 -9.76 8.54 11.89
C VAL B 141 -8.36 8.04 12.21
N VAL B 142 -7.36 8.45 11.41
CA VAL B 142 -5.98 8.01 11.67
C VAL B 142 -5.46 8.74 12.91
N GLN B 143 -5.78 10.02 13.08
CA GLN B 143 -5.40 10.78 14.27
C GLN B 143 -5.91 10.13 15.54
N ALA B 144 -7.10 9.52 15.51
CA ALA B 144 -7.63 8.78 16.65
C ALA B 144 -6.74 7.62 17.04
N ALA B 145 -5.92 7.12 16.12
CA ALA B 145 -4.98 6.06 16.41
C ALA B 145 -3.58 6.52 16.81
N LEU B 146 -3.31 7.83 16.80
CA LEU B 146 -1.98 8.34 17.09
C LEU B 146 -1.87 9.04 18.43
CHA HEM C . 5.88 -6.47 5.83
CHB HEM C . 4.72 -6.84 1.18
CHC HEM C . 6.54 -11.30 1.15
CHD HEM C . 8.40 -10.54 5.53
C1A HEM C . 5.35 -6.20 4.58
C2A HEM C . 4.66 -4.99 4.22
C3A HEM C . 4.33 -5.09 2.92
C4A HEM C . 4.82 -6.38 2.48
CMA HEM C . 3.57 -4.09 2.05
CAA HEM C . 4.42 -3.79 5.14
CBA HEM C . 5.68 -2.95 5.32
CGA HEM C . 5.67 -2.00 6.52
O1A HEM C . 4.69 -1.30 6.74
O2A HEM C . 6.65 -1.95 7.24
C1B HEM C . 5.18 -8.06 0.75
C2B HEM C . 4.95 -8.57 -0.59
C3B HEM C . 5.41 -9.86 -0.59
C4B HEM C . 5.92 -10.11 0.75
CMB HEM C . 4.34 -7.75 -1.72
CAB HEM C . 5.46 -10.79 -1.64
CBB HEM C . 4.44 -11.03 -2.64
C1C HEM C . 7.18 -11.50 2.36
C2C HEM C . 7.90 -12.70 2.71
C3C HEM C . 8.50 -12.47 3.94
C4C HEM C . 8.11 -11.12 4.30
CMC HEM C . 7.94 -13.96 1.83
CAC HEM C . 9.29 -13.27 4.77
CBC HEM C . 9.62 -14.68 4.67
C1D HEM C . 7.85 -9.37 6.00
C2D HEM C . 7.99 -8.90 7.36
C3D HEM C . 7.21 -7.81 7.46
C4D HEM C . 6.62 -7.58 6.16
CMD HEM C . 8.84 -9.52 8.47
CAD HEM C . 6.94 -6.99 8.70
CBD HEM C . 5.63 -7.38 9.37
CGD HEM C . 5.36 -6.45 10.53
O1D HEM C . 5.99 -6.61 11.58
O2D HEM C . 4.55 -5.54 10.38
NA HEM C . 5.46 -7.06 3.49
NB HEM C . 5.79 -8.99 1.55
NC HEM C . 7.29 -10.53 3.35
ND HEM C . 6.99 -8.57 5.28
FE HEM C . 6.40 -8.79 3.42
C CMO D . 4.95 -9.76 4.10
O CMO D . 4.19 -10.45 4.54
CHA HEM E . 5.82 6.90 5.71
CHB HEM E . 1.20 7.16 4.50
CHC HEM E . 1.00 11.60 6.34
CHD HEM E . 5.49 11.11 7.96
C1A HEM E . 4.59 6.62 5.17
C2A HEM E . 4.27 5.37 4.50
C3A HEM E . 2.97 5.45 4.14
C4A HEM E . 2.50 6.74 4.60
CMA HEM E . 2.16 4.37 3.45
CAA HEM E . 5.21 4.20 4.29
CBA HEM E . 5.45 3.46 5.59
CGA HEM E . 6.65 2.53 5.56
O1A HEM E . 6.86 1.83 4.58
O2A HEM E . 7.38 2.50 6.53
C1B HEM E . 0.72 8.36 4.98
C2B HEM E . -0.64 8.81 4.75
C3B HEM E . -0.69 10.11 5.19
C4B HEM E . 0.64 10.39 5.73
CMB HEM E . -1.77 7.96 4.17
CAB HEM E . -1.74 11.03 5.17
CBB HEM E . -2.74 11.21 4.13
C1C HEM E . 2.22 11.87 6.93
C2C HEM E . 2.55 13.14 7.56
C3C HEM E . 3.81 12.99 8.08
C4C HEM E . 4.23 11.64 7.71
CMC HEM E . 1.63 14.36 7.56
CAC HEM E . 4.63 13.87 8.80
CBC HEM E . 4.38 15.24 9.22
C1D HEM E . 5.97 9.92 7.50
C2D HEM E . 7.34 9.48 7.66
C3D HEM E . 7.45 8.33 6.96
C4D HEM E . 6.14 8.04 6.42
CMD HEM E . 8.46 10.18 8.42
CAD HEM E . 8.70 7.52 6.70
CBD HEM E . 9.42 7.97 5.44
CGD HEM E . 10.53 7.00 5.10
O1D HEM E . 11.57 7.03 5.76
O2D HEM E . 10.35 6.21 4.21
NA HEM E . 3.50 7.44 5.24
NB HEM E . 1.50 9.31 5.60
NC HEM E . 3.25 10.97 7.00
ND HEM E . 5.25 9.04 6.72
FE HEM E . 3.37 9.17 6.15
C CMO F . 3.86 10.09 4.58
O CMO F . 4.10 10.76 3.70
#